data_5W8B
#
_entry.id   5W8B
#
_cell.length_a   42.268
_cell.length_b   41.252
_cell.length_c   72.096
_cell.angle_alpha   90.000
_cell.angle_beta   104.100
_cell.angle_gamma   90.000
#
_symmetry.space_group_name_H-M   'P 1 21 1'
#
loop_
_entity.id
_entity.type
_entity.pdbx_description
1 polymer 'Carbonic anhydrase 2'
2 non-polymer 'ZINC ION'
3 non-polymer 'Hexafluorophosphate anion'
4 non-polymer GLYCEROL
5 non-polymer 1-[2-(1H-imidazol-5-yl)ethyl]-4-methyl-2,6-di(propan-2-yl)pyridin-1-ium
6 water water
#
_entity_poly.entity_id   1
_entity_poly.type   'polypeptide(L)'
_entity_poly.pdbx_seq_one_letter_code
;HWGYGKHNGPEHWHKDFPIAKGERQSPVDIDTHTAKYDPSLKPLSVSYDQATSLRILNNGHAFNVEFDDSQDKAVLKGGP
LDGTYRLIQFHFHWGSLDGQGSEHTVDKKKYAAELHLVHWNTKYGDFGKAVQQPDGLAVLGIFLKVGSAKPGLQKVVDVL
DSIKTKGKSADFTNFDPRGLLPESLDYWTYPGSLTTPPLLECVTWIVLKEPISVSSEQVLKFRKLNFNGEGEPEELMVDN
WRPAQPLKNRQIKASFK
;
_entity_poly.pdbx_strand_id   A
#
loop_
_chem_comp.id
_chem_comp.type
_chem_comp.name
_chem_comp.formula
A57 non-polymer 1-[2-(1H-imidazol-5-yl)ethyl]-4-methyl-2,6-di(propan-2-yl)pyridin-1-ium 'C17 H26 N3 1'
A9J non-polymer 'Hexafluorophosphate anion' 'F6 P -1'
GOL non-polymer GLYCEROL 'C3 H8 O3'
ZN non-polymer 'ZINC ION' 'Zn 2'
#
# COMPACT_ATOMS: atom_id res chain seq x y z
N HIS A 1 -18.50 -0.14 12.68
CA HIS A 1 -17.66 0.09 11.52
C HIS A 1 -16.25 -0.40 11.79
N TRP A 2 -15.55 -0.79 10.75
CA TRP A 2 -14.33 -1.54 10.91
C TRP A 2 -13.16 -0.60 11.22
N GLY A 3 -12.12 -1.17 11.82
CA GLY A 3 -10.91 -0.41 12.09
C GLY A 3 -9.76 -1.31 12.49
N TYR A 4 -8.94 -0.84 13.43
CA TYR A 4 -7.79 -1.60 13.88
C TYR A 4 -7.74 -1.71 15.40
N GLY A 5 -8.87 -1.46 16.07
CA GLY A 5 -8.93 -1.56 17.51
C GLY A 5 -9.24 -2.96 18.00
N LYS A 6 -9.26 -3.08 19.32
CA LYS A 6 -9.53 -4.36 19.98
C LYS A 6 -10.84 -4.97 19.50
N HIS A 7 -11.86 -4.15 19.26
CA HIS A 7 -13.19 -4.67 19.00
C HIS A 7 -13.64 -4.55 17.56
N ASN A 8 -12.85 -3.90 16.69
CA ASN A 8 -13.25 -3.76 15.30
C ASN A 8 -12.10 -4.06 14.36
N GLY A 9 -11.03 -4.68 14.87
CA GLY A 9 -9.82 -4.89 14.12
C GLY A 9 -9.88 -6.10 13.21
N PRO A 10 -8.73 -6.44 12.62
CA PRO A 10 -8.70 -7.48 11.59
C PRO A 10 -9.35 -8.81 11.97
N GLU A 11 -9.36 -9.19 13.24
CA GLU A 11 -9.93 -10.48 13.60
C GLU A 11 -11.45 -10.45 13.58
N HIS A 12 -12.06 -9.27 13.48
CA HIS A 12 -13.50 -9.11 13.42
C HIS A 12 -14.02 -8.91 11.99
N TRP A 13 -13.14 -8.61 11.03
CA TRP A 13 -13.61 -8.14 9.74
C TRP A 13 -14.47 -9.18 9.04
N HIS A 14 -14.21 -10.46 9.28
CA HIS A 14 -14.91 -11.51 8.54
C HIS A 14 -16.40 -11.51 8.80
N LYS A 15 -16.86 -10.89 9.90
CA LYS A 15 -18.28 -10.92 10.19
C LYS A 15 -19.08 -10.01 9.24
N ASP A 16 -18.48 -8.90 8.83
CA ASP A 16 -19.11 -8.08 7.80
C ASP A 16 -18.61 -8.39 6.40
N PHE A 17 -17.40 -8.95 6.28
CA PHE A 17 -16.73 -9.16 5.00
C PHE A 17 -16.24 -10.59 4.98
N PRO A 18 -17.13 -11.55 4.72
CA PRO A 18 -16.75 -12.97 4.82
C PRO A 18 -15.60 -13.36 3.92
N ILE A 19 -15.34 -12.60 2.86
CA ILE A 19 -14.20 -12.85 2.00
C ILE A 19 -12.90 -12.69 2.76
N ALA A 20 -12.94 -12.13 3.98
CA ALA A 20 -11.74 -12.07 4.81
C ALA A 20 -11.10 -13.44 5.00
N LYS A 21 -11.89 -14.52 4.94
CA LYS A 21 -11.35 -15.88 5.05
C LYS A 21 -11.24 -16.56 3.69
N GLY A 22 -11.12 -15.78 2.62
CA GLY A 22 -11.14 -16.30 1.27
C GLY A 22 -9.84 -16.94 0.82
N GLU A 23 -9.79 -17.24 -0.47
CA GLU A 23 -8.73 -18.05 -1.05
C GLU A 23 -7.52 -17.25 -1.50
N ARG A 24 -7.62 -15.93 -1.62
CA ARG A 24 -6.48 -15.16 -2.09
C ARG A 24 -6.42 -13.83 -1.33
N GLN A 25 -6.35 -13.93 0.01
CA GLN A 25 -6.30 -12.76 0.86
C GLN A 25 -4.88 -12.24 1.03
N SER A 26 -4.78 -10.94 1.27
CA SER A 26 -3.51 -10.24 1.50
C SER A 26 -3.58 -9.48 2.82
N PRO A 27 -2.42 -9.18 3.42
CA PRO A 27 -1.06 -9.51 2.98
C PRO A 27 -0.71 -10.96 3.27
N VAL A 28 0.51 -11.37 2.91
CA VAL A 28 1.03 -12.70 3.21
C VAL A 28 2.47 -12.56 3.67
N ASP A 29 2.96 -13.62 4.32
CA ASP A 29 4.39 -13.71 4.55
C ASP A 29 5.06 -14.16 3.27
N ILE A 30 6.13 -13.48 2.88
CA ILE A 30 6.93 -13.85 1.72
C ILE A 30 8.09 -14.70 2.24
N ASP A 31 7.98 -16.01 2.04
CA ASP A 31 9.06 -16.94 2.37
C ASP A 31 10.06 -16.94 1.22
N THR A 32 11.22 -16.32 1.45
CA THR A 32 12.14 -16.04 0.35
C THR A 32 12.76 -17.30 -0.22
N HIS A 33 12.82 -18.36 0.57
CA HIS A 33 13.38 -19.60 0.05
C HIS A 33 12.36 -20.41 -0.74
N THR A 34 11.06 -20.18 -0.50
CA THR A 34 9.99 -20.88 -1.19
C THR A 34 9.51 -20.14 -2.44
N ALA A 35 9.70 -18.83 -2.53
CA ALA A 35 9.36 -18.11 -3.75
C ALA A 35 10.19 -18.65 -4.89
N LYS A 36 9.59 -18.77 -6.07
CA LYS A 36 10.28 -19.32 -7.22
C LYS A 36 10.67 -18.22 -8.20
N TYR A 37 11.94 -18.19 -8.57
CA TYR A 37 12.36 -17.31 -9.64
C TYR A 37 11.63 -17.67 -10.93
N ASP A 38 11.05 -16.66 -11.58
CA ASP A 38 10.30 -16.87 -12.81
C ASP A 38 10.95 -16.08 -13.93
N PRO A 39 11.74 -16.72 -14.81
CA PRO A 39 12.45 -15.95 -15.85
C PRO A 39 11.53 -15.37 -16.89
N SER A 40 10.29 -15.83 -16.99
CA SER A 40 9.35 -15.24 -17.95
C SER A 40 8.78 -13.92 -17.46
N LEU A 41 9.05 -13.53 -16.22
CA LEU A 41 8.60 -12.24 -15.72
C LEU A 41 9.37 -11.12 -16.39
N LYS A 42 8.65 -10.12 -16.90
CA LYS A 42 9.29 -8.99 -17.52
C LYS A 42 9.69 -7.93 -16.49
N PRO A 43 10.60 -7.04 -16.85
CA PRO A 43 10.92 -5.94 -15.94
C PRO A 43 9.71 -5.06 -15.75
N LEU A 44 9.58 -4.51 -14.55
CA LEU A 44 8.53 -3.54 -14.29
C LEU A 44 8.74 -2.31 -15.13
N SER A 45 7.64 -1.68 -15.53
CA SER A 45 7.68 -0.37 -16.18
C SER A 45 6.88 0.59 -15.30
N VAL A 46 7.58 1.45 -14.58
CA VAL A 46 6.96 2.47 -13.74
C VAL A 46 7.13 3.80 -14.47
N SER A 47 6.04 4.34 -14.98
CA SER A 47 6.08 5.56 -15.79
C SER A 47 5.32 6.65 -15.03
N TYR A 48 6.04 7.36 -14.17
CA TYR A 48 5.44 8.36 -13.30
C TYR A 48 5.79 9.80 -13.70
N ASP A 49 6.48 10.02 -14.82
CA ASP A 49 6.98 11.37 -15.09
C ASP A 49 5.86 12.39 -15.30
N GLN A 50 4.68 11.95 -15.75
CA GLN A 50 3.57 12.88 -15.97
C GLN A 50 2.55 12.83 -14.83
N ALA A 51 2.93 12.28 -13.68
CA ALA A 51 1.99 12.14 -12.58
C ALA A 51 1.40 13.48 -12.19
N THR A 52 0.12 13.47 -11.83
CA THR A 52 -0.57 14.68 -11.37
C THR A 52 -1.20 14.38 -10.02
N SER A 53 -0.51 14.72 -8.94
CA SER A 53 -1.09 14.56 -7.62
C SER A 53 -2.09 15.68 -7.39
N LEU A 54 -3.11 15.40 -6.59
CA LEU A 54 -4.16 16.40 -6.39
C LEU A 54 -4.35 16.79 -4.94
N ARG A 55 -4.34 15.83 -4.03
CA ARG A 55 -4.93 16.06 -2.73
C ARG A 55 -4.40 15.00 -1.80
N ILE A 56 -4.35 15.33 -0.52
CA ILE A 56 -4.04 14.35 0.52
C ILE A 56 -5.20 14.34 1.51
N LEU A 57 -5.63 13.13 1.88
CA LEU A 57 -6.85 12.95 2.66
C LEU A 57 -6.58 12.00 3.84
N ASN A 58 -7.00 12.39 5.03
CA ASN A 58 -7.03 11.46 6.17
C ASN A 58 -8.42 10.82 6.14
N ASN A 59 -8.49 9.52 5.85
CA ASN A 59 -9.78 8.87 5.73
C ASN A 59 -10.16 8.08 6.98
N GLY A 60 -9.41 8.24 8.07
CA GLY A 60 -9.70 7.55 9.30
C GLY A 60 -9.05 6.20 9.44
N HIS A 61 -8.43 5.69 8.37
CA HIS A 61 -7.68 4.44 8.39
C HIS A 61 -6.23 4.62 7.97
N ALA A 62 -5.96 5.63 7.15
CA ALA A 62 -4.62 5.97 6.68
C ALA A 62 -4.73 7.37 6.09
N PHE A 63 -3.68 7.86 5.44
CA PHE A 63 -3.85 9.02 4.58
C PHE A 63 -3.55 8.63 3.14
N ASN A 64 -4.36 9.15 2.22
CA ASN A 64 -4.22 8.84 0.80
C ASN A 64 -3.73 10.10 0.09
N VAL A 65 -2.69 9.95 -0.72
CA VAL A 65 -2.30 10.96 -1.69
C VAL A 65 -2.92 10.55 -3.00
N GLU A 66 -3.84 11.38 -3.50
CA GLU A 66 -4.67 11.05 -4.65
C GLU A 66 -4.10 11.67 -5.91
N PHE A 67 -4.30 10.98 -7.04
CA PHE A 67 -3.79 11.41 -8.33
C PHE A 67 -4.93 11.52 -9.33
N ASP A 68 -4.70 12.35 -10.35
CA ASP A 68 -5.60 12.41 -11.50
C ASP A 68 -5.44 11.13 -12.31
N ASP A 69 -6.47 10.29 -12.30
CA ASP A 69 -6.43 9.03 -13.04
C ASP A 69 -7.39 9.03 -14.21
N SER A 70 -7.73 10.21 -14.73
CA SER A 70 -8.63 10.30 -15.89
C SER A 70 -7.88 10.27 -17.22
N GLN A 71 -6.56 10.15 -17.19
CA GLN A 71 -5.72 9.92 -18.36
C GLN A 71 -4.56 9.05 -17.92
N ASP A 72 -3.85 8.49 -18.90
CA ASP A 72 -2.64 7.72 -18.66
C ASP A 72 -1.49 8.68 -18.36
N LYS A 73 -1.38 9.08 -17.11
CA LYS A 73 -0.35 10.01 -16.66
C LYS A 73 0.73 9.37 -15.80
N ALA A 74 0.34 8.48 -14.90
CA ALA A 74 1.27 7.76 -14.04
C ALA A 74 0.82 6.31 -14.10
N VAL A 75 1.56 5.46 -14.79
CA VAL A 75 1.06 4.14 -15.10
C VAL A 75 2.10 3.09 -14.75
N LEU A 76 1.60 1.91 -14.39
CA LEU A 76 2.41 0.74 -14.17
C LEU A 76 2.10 -0.29 -15.25
N LYS A 77 3.15 -0.85 -15.84
CA LYS A 77 3.03 -1.84 -16.89
C LYS A 77 4.12 -2.88 -16.70
N GLY A 78 4.05 -3.95 -17.47
CA GLY A 78 5.12 -4.92 -17.44
C GLY A 78 5.06 -5.78 -16.20
N GLY A 79 6.22 -6.30 -15.82
CA GLY A 79 6.27 -7.29 -14.76
C GLY A 79 5.32 -8.42 -15.07
N PRO A 80 4.48 -8.80 -14.11
CA PRO A 80 3.49 -9.85 -14.35
C PRO A 80 2.25 -9.35 -15.06
N LEU A 81 2.17 -8.07 -15.38
CA LEU A 81 0.90 -7.48 -15.79
C LEU A 81 0.72 -7.54 -17.29
N ASP A 82 -0.54 -7.68 -17.71
CA ASP A 82 -0.97 -7.43 -19.06
C ASP A 82 -1.77 -6.13 -19.05
N GLY A 83 -1.42 -5.22 -19.93
CA GLY A 83 -2.14 -3.98 -20.00
C GLY A 83 -1.55 -2.91 -19.11
N THR A 84 -2.34 -1.84 -18.96
CA THR A 84 -1.90 -0.58 -18.39
C THR A 84 -2.71 -0.32 -17.13
N TYR A 85 -2.03 -0.01 -16.04
CA TYR A 85 -2.69 0.27 -14.77
C TYR A 85 -2.36 1.69 -14.34
N ARG A 86 -3.39 2.50 -14.08
CA ARG A 86 -3.23 3.89 -13.68
C ARG A 86 -3.12 4.05 -12.17
N LEU A 87 -2.18 4.88 -11.73
CA LEU A 87 -2.06 5.22 -10.32
C LEU A 87 -3.24 6.09 -9.88
N ILE A 88 -3.95 5.65 -8.86
CA ILE A 88 -5.06 6.42 -8.30
C ILE A 88 -4.70 7.05 -6.97
N GLN A 89 -3.95 6.35 -6.12
CA GLN A 89 -3.53 6.93 -4.85
C GLN A 89 -2.41 6.07 -4.28
N PHE A 90 -1.68 6.65 -3.33
CA PHE A 90 -0.84 5.82 -2.46
C PHE A 90 -1.12 6.15 -1.01
N HIS A 91 -0.78 5.21 -0.14
CA HIS A 91 -0.96 5.35 1.29
C HIS A 91 0.03 4.43 1.96
N PHE A 92 0.14 4.56 3.28
CA PHE A 92 1.05 3.76 4.08
C PHE A 92 0.31 3.01 5.18
N HIS A 93 0.98 2.00 5.71
CA HIS A 93 0.62 1.34 6.95
C HIS A 93 1.82 1.40 7.87
N TRP A 94 1.61 1.68 9.15
CA TRP A 94 2.77 1.82 10.01
C TRP A 94 2.44 1.40 11.43
N GLY A 95 3.49 1.23 12.24
CA GLY A 95 3.36 0.70 13.57
C GLY A 95 3.42 1.78 14.64
N SER A 96 3.17 1.35 15.87
CA SER A 96 3.43 2.20 17.03
C SER A 96 4.89 2.14 17.45
N LEU A 97 5.64 1.18 16.92
CA LEU A 97 7.03 0.91 17.25
C LEU A 97 7.72 0.55 15.95
N ASP A 98 9.03 0.79 15.89
CA ASP A 98 9.75 0.51 14.65
C ASP A 98 9.75 -0.98 14.29
N GLY A 99 9.53 -1.87 15.26
CA GLY A 99 9.58 -3.29 14.96
C GLY A 99 8.34 -3.88 14.34
N GLN A 100 7.34 -3.07 14.03
CA GLN A 100 6.12 -3.56 13.39
C GLN A 100 5.52 -2.44 12.57
N GLY A 101 4.59 -2.79 11.67
CA GLY A 101 3.93 -1.79 10.89
C GLY A 101 3.66 -2.23 9.45
N SER A 102 4.52 -3.09 8.90
CA SER A 102 4.24 -3.53 7.54
C SER A 102 3.15 -4.59 7.55
N GLU A 103 2.52 -4.76 6.39
CA GLU A 103 1.48 -5.77 6.23
C GLU A 103 2.08 -7.05 5.69
N HIS A 104 2.75 -6.99 4.55
CA HIS A 104 3.59 -8.11 4.14
C HIS A 104 4.76 -8.25 5.09
N THR A 105 5.24 -9.48 5.23
CA THR A 105 6.46 -9.74 5.99
C THR A 105 7.38 -10.54 5.07
N VAL A 106 8.66 -10.54 5.42
CA VAL A 106 9.66 -11.23 4.61
C VAL A 106 10.37 -12.20 5.55
N ASP A 107 10.18 -13.51 5.32
CA ASP A 107 10.67 -14.51 6.25
C ASP A 107 10.28 -14.15 7.69
N LYS A 108 9.02 -13.74 7.83
CA LYS A 108 8.35 -13.36 9.07
C LYS A 108 8.85 -12.03 9.64
N LYS A 109 9.82 -11.38 8.99
CA LYS A 109 10.29 -10.09 9.45
C LYS A 109 9.27 -8.99 9.14
N LYS A 110 8.99 -8.16 10.14
CA LYS A 110 8.09 -7.01 9.97
C LYS A 110 8.92 -5.75 9.79
N TYR A 111 8.55 -4.95 8.80
CA TYR A 111 9.19 -3.64 8.62
C TYR A 111 8.40 -2.57 9.37
N ALA A 112 9.01 -1.38 9.48
CA ALA A 112 8.41 -0.29 10.24
C ALA A 112 7.15 0.27 9.58
N ALA A 113 7.05 0.12 8.28
CA ALA A 113 5.89 0.63 7.57
C ALA A 113 5.91 0.01 6.18
N GLU A 114 4.83 0.23 5.44
CA GLU A 114 4.71 -0.28 4.09
C GLU A 114 3.90 0.70 3.27
N LEU A 115 4.41 1.02 2.08
CA LEU A 115 3.78 1.92 1.13
C LEU A 115 3.04 1.10 0.09
N HIS A 116 1.78 1.48 -0.19
CA HIS A 116 0.96 0.87 -1.25
C HIS A 116 0.68 1.93 -2.30
N LEU A 117 1.23 1.74 -3.50
CA LEU A 117 0.91 2.55 -4.67
C LEU A 117 -0.14 1.79 -5.45
N VAL A 118 -1.37 2.30 -5.46
CA VAL A 118 -2.53 1.55 -5.93
C VAL A 118 -2.84 1.96 -7.36
N HIS A 119 -2.93 0.97 -8.27
CA HIS A 119 -3.20 1.22 -9.69
C HIS A 119 -4.35 0.35 -10.16
N TRP A 120 -5.13 0.85 -11.13
CA TRP A 120 -6.23 0.07 -11.66
C TRP A 120 -6.13 -0.09 -13.17
N ASN A 121 -6.66 -1.22 -13.63
CA ASN A 121 -6.53 -1.68 -15.01
C ASN A 121 -7.46 -0.87 -15.93
N THR A 122 -6.88 -0.13 -16.87
CA THR A 122 -7.67 0.80 -17.66
C THR A 122 -8.70 0.08 -18.53
N LYS A 123 -8.56 -1.22 -18.73
CA LYS A 123 -9.57 -1.88 -19.54
C LYS A 123 -10.92 -1.94 -18.85
N TYR A 124 -10.98 -1.66 -17.55
CA TYR A 124 -12.24 -1.65 -16.83
C TYR A 124 -12.81 -0.26 -16.62
N GLY A 125 -12.15 0.79 -17.12
CA GLY A 125 -12.82 2.07 -17.22
C GLY A 125 -12.79 2.95 -15.98
N ASP A 126 -13.01 2.39 -14.79
CA ASP A 126 -12.86 3.15 -13.58
C ASP A 126 -12.51 2.22 -12.44
N PHE A 127 -12.10 2.82 -11.32
CA PHE A 127 -11.61 2.05 -10.18
C PHE A 127 -12.71 1.19 -9.59
N GLY A 128 -13.94 1.73 -9.48
CA GLY A 128 -15.02 0.95 -8.92
C GLY A 128 -15.32 -0.32 -9.69
N LYS A 129 -15.20 -0.26 -11.02
CA LYS A 129 -15.39 -1.47 -11.82
C LYS A 129 -14.19 -2.40 -11.68
N ALA A 130 -12.99 -1.83 -11.65
CA ALA A 130 -11.77 -2.64 -11.60
C ALA A 130 -11.73 -3.53 -10.36
N VAL A 131 -12.16 -3.02 -9.21
CA VAL A 131 -12.06 -3.84 -8.00
C VAL A 131 -13.00 -5.04 -8.02
N GLN A 132 -13.92 -5.12 -8.97
CA GLN A 132 -14.78 -6.29 -9.12
C GLN A 132 -14.18 -7.34 -10.04
N GLN A 133 -12.94 -7.14 -10.49
CA GLN A 133 -12.29 -8.04 -11.44
C GLN A 133 -11.07 -8.69 -10.82
N PRO A 134 -10.78 -9.95 -11.17
CA PRO A 134 -9.60 -10.62 -10.57
C PRO A 134 -8.29 -10.00 -10.99
N ASP A 135 -8.24 -9.30 -12.11
CA ASP A 135 -7.03 -8.60 -12.53
C ASP A 135 -7.27 -7.11 -12.58
N GLY A 136 -8.05 -6.61 -11.61
CA GLY A 136 -8.48 -5.23 -11.66
C GLY A 136 -7.45 -4.24 -11.17
N LEU A 137 -6.65 -4.63 -10.16
CA LEU A 137 -5.71 -3.73 -9.50
C LEU A 137 -4.30 -4.29 -9.58
N ALA A 138 -3.34 -3.39 -9.56
CA ALA A 138 -1.93 -3.75 -9.39
C ALA A 138 -1.41 -2.83 -8.31
N VAL A 139 -0.90 -3.39 -7.22
CA VAL A 139 -0.40 -2.56 -6.13
C VAL A 139 1.09 -2.78 -6.01
N LEU A 140 1.84 -1.69 -6.03
CA LEU A 140 3.28 -1.72 -5.81
C LEU A 140 3.50 -1.53 -4.31
N GLY A 141 4.00 -2.56 -3.65
CA GLY A 141 4.24 -2.51 -2.21
C GLY A 141 5.72 -2.28 -1.94
N ILE A 142 6.01 -1.33 -1.07
CA ILE A 142 7.39 -0.94 -0.78
C ILE A 142 7.57 -0.89 0.72
N PHE A 143 8.57 -1.60 1.23
CA PHE A 143 8.80 -1.60 2.67
C PHE A 143 9.57 -0.36 3.10
N LEU A 144 9.29 0.10 4.32
CA LEU A 144 10.04 1.18 4.93
C LEU A 144 10.76 0.65 6.16
N LYS A 145 12.05 0.98 6.26
CA LYS A 145 12.80 0.77 7.49
C LYS A 145 13.24 2.13 8.02
N VAL A 146 13.52 2.16 9.32
CA VAL A 146 13.95 3.40 9.95
C VAL A 146 15.48 3.49 9.88
N GLY A 147 15.97 4.61 9.37
CA GLY A 147 17.39 4.84 9.23
C GLY A 147 17.61 6.28 8.80
N SER A 148 18.18 6.47 7.61
CA SER A 148 18.31 7.82 7.08
C SER A 148 16.97 8.31 6.56
N ALA A 149 16.82 9.64 6.53
CA ALA A 149 15.60 10.24 6.01
C ALA A 149 15.45 9.97 4.53
N LYS A 150 14.19 9.92 4.08
CA LYS A 150 13.87 9.82 2.67
C LYS A 150 13.49 11.21 2.17
N PRO A 151 14.33 11.87 1.37
CA PRO A 151 14.02 13.26 1.01
C PRO A 151 12.70 13.38 0.28
N GLY A 152 12.39 12.42 -0.59
CA GLY A 152 11.17 12.48 -1.36
C GLY A 152 9.91 12.27 -0.55
N LEU A 153 10.04 11.88 0.71
CA LEU A 153 8.89 11.74 1.59
C LEU A 153 8.61 12.99 2.40
N GLN A 154 9.56 13.91 2.47
CA GLN A 154 9.41 15.00 3.43
C GLN A 154 8.22 15.89 3.09
N LYS A 155 7.92 16.11 1.80
CA LYS A 155 6.78 16.96 1.50
C LYS A 155 5.48 16.35 2.03
N VAL A 156 5.38 15.02 2.04
CA VAL A 156 4.23 14.36 2.67
C VAL A 156 4.23 14.59 4.17
N VAL A 157 5.39 14.39 4.81
CA VAL A 157 5.47 14.56 6.26
C VAL A 157 5.05 15.97 6.65
N ASP A 158 5.45 16.96 5.86
CA ASP A 158 5.24 18.34 6.29
C ASP A 158 3.77 18.77 6.19
N VAL A 159 2.95 18.10 5.39
CA VAL A 159 1.54 18.47 5.28
C VAL A 159 0.66 17.74 6.29
N LEU A 160 1.18 16.74 7.01
CA LEU A 160 0.34 15.92 7.87
C LEU A 160 -0.32 16.74 8.97
N ASP A 161 0.32 17.83 9.41
CA ASP A 161 -0.28 18.69 10.42
C ASP A 161 -1.64 19.22 9.98
N SER A 162 -1.84 19.39 8.68
CA SER A 162 -3.06 19.96 8.16
C SER A 162 -4.15 18.92 7.97
N ILE A 163 -3.85 17.63 8.10
CA ILE A 163 -4.87 16.60 7.95
C ILE A 163 -4.82 15.67 9.16
N LYS A 164 -4.71 16.24 10.37
CA LYS A 164 -4.51 15.43 11.56
C LYS A 164 -5.65 14.45 11.80
N THR A 165 -6.89 14.84 11.50
CA THR A 165 -8.05 14.07 11.92
C THR A 165 -8.87 13.58 10.72
N LYS A 166 -9.70 12.56 10.99
CA LYS A 166 -10.51 11.92 9.97
C LYS A 166 -11.37 12.93 9.22
N GLY A 167 -11.37 12.83 7.89
CA GLY A 167 -12.16 13.71 7.06
C GLY A 167 -11.44 14.96 6.58
N LYS A 168 -10.29 15.30 7.15
CA LYS A 168 -9.54 16.45 6.69
C LYS A 168 -8.76 16.14 5.41
N SER A 169 -8.77 17.09 4.49
CA SER A 169 -7.99 16.98 3.27
C SER A 169 -7.26 18.29 3.03
N ALA A 170 -6.21 18.21 2.23
CA ALA A 170 -5.43 19.38 1.86
C ALA A 170 -4.98 19.26 0.41
N ASP A 171 -4.87 20.40 -0.24
CA ASP A 171 -4.31 20.42 -1.59
C ASP A 171 -2.92 19.81 -1.55
N PHE A 172 -2.62 18.97 -2.54
CA PHE A 172 -1.31 18.32 -2.57
C PHE A 172 -0.88 18.11 -4.02
N THR A 173 -0.70 19.22 -4.74
CA THR A 173 -0.32 19.14 -6.14
C THR A 173 1.20 19.08 -6.30
N ASN A 174 1.61 18.60 -7.48
CA ASN A 174 3.01 18.65 -7.90
C ASN A 174 3.90 17.78 -7.03
N PHE A 175 3.35 16.70 -6.48
CA PHE A 175 4.17 15.74 -5.75
C PHE A 175 4.62 14.64 -6.70
N ASP A 176 5.91 14.30 -6.64
CA ASP A 176 6.51 13.35 -7.57
C ASP A 176 6.70 12.01 -6.88
N PRO A 177 5.87 11.00 -7.17
CA PRO A 177 5.99 9.72 -6.46
C PRO A 177 7.26 8.97 -6.78
N ARG A 178 8.01 9.39 -7.81
CA ARG A 178 9.29 8.73 -8.09
C ARG A 178 10.25 8.86 -6.92
N GLY A 179 10.09 9.88 -6.08
CA GLY A 179 10.96 10.06 -4.94
C GLY A 179 10.74 9.08 -3.80
N LEU A 180 9.74 8.20 -3.92
CA LEU A 180 9.48 7.18 -2.92
C LEU A 180 9.98 5.80 -3.31
N LEU A 181 10.63 5.67 -4.56
CA LEU A 181 11.04 4.35 -5.05
C LEU A 181 12.47 4.03 -4.63
N PRO A 182 12.73 2.77 -4.29
CA PRO A 182 14.11 2.36 -4.03
C PRO A 182 14.90 2.32 -5.33
N GLU A 183 16.17 1.97 -5.23
CA GLU A 183 17.01 1.92 -6.42
C GLU A 183 16.62 0.75 -7.31
N SER A 184 16.42 -0.43 -6.73
CA SER A 184 16.11 -1.64 -7.47
C SER A 184 14.61 -1.82 -7.62
N LEU A 185 14.18 -2.31 -8.79
CA LEU A 185 12.79 -2.73 -8.98
C LEU A 185 12.62 -4.26 -8.95
N ASP A 186 13.59 -5.00 -8.41
CA ASP A 186 13.39 -6.43 -8.18
C ASP A 186 12.17 -6.62 -7.29
N TYR A 187 11.36 -7.65 -7.58
CA TYR A 187 10.08 -7.78 -6.89
C TYR A 187 9.69 -9.24 -6.71
N TRP A 188 8.78 -9.47 -5.76
CA TRP A 188 7.97 -10.68 -5.67
C TRP A 188 6.56 -10.37 -6.16
N THR A 189 5.89 -11.37 -6.72
CA THR A 189 4.52 -11.10 -7.14
C THR A 189 3.63 -12.30 -6.84
N TYR A 190 2.37 -12.02 -6.48
CA TYR A 190 1.40 -13.06 -6.22
C TYR A 190 0.01 -12.46 -6.33
N PRO A 191 -1.01 -13.29 -6.54
CA PRO A 191 -2.39 -12.78 -6.62
C PRO A 191 -3.00 -12.64 -5.24
N GLY A 192 -3.58 -11.50 -4.91
CA GLY A 192 -4.14 -11.29 -3.59
C GLY A 192 -5.34 -10.36 -3.59
N SER A 193 -5.44 -9.56 -2.53
CA SER A 193 -6.65 -8.82 -2.22
C SER A 193 -6.31 -7.42 -1.72
N LEU A 194 -7.33 -6.58 -1.65
CA LEU A 194 -7.22 -5.39 -0.83
C LEU A 194 -6.93 -5.82 0.59
N THR A 195 -6.15 -5.04 1.33
CA THR A 195 -5.85 -5.44 2.71
C THR A 195 -6.77 -4.78 3.71
N THR A 196 -7.83 -4.16 3.22
CA THR A 196 -8.66 -3.38 4.05
C THR A 196 -10.05 -3.63 3.49
N PRO A 197 -11.10 -3.70 4.33
CA PRO A 197 -12.43 -3.97 3.78
C PRO A 197 -12.74 -3.07 2.60
N PRO A 198 -13.43 -3.58 1.57
CA PRO A 198 -14.06 -4.89 1.46
C PRO A 198 -13.20 -6.09 1.12
N LEU A 199 -11.87 -5.97 1.14
CA LEU A 199 -10.99 -7.14 1.05
C LEU A 199 -11.18 -7.87 -0.28
N LEU A 200 -11.57 -7.14 -1.33
CA LEU A 200 -11.86 -7.77 -2.61
C LEU A 200 -10.62 -8.41 -3.22
N GLU A 201 -10.81 -9.54 -3.90
CA GLU A 201 -9.71 -10.35 -4.38
C GLU A 201 -9.40 -9.98 -5.84
N CYS A 202 -8.89 -8.75 -5.98
CA CYS A 202 -8.74 -8.10 -7.28
C CYS A 202 -7.32 -7.62 -7.55
N VAL A 203 -6.34 -7.96 -6.71
CA VAL A 203 -5.03 -7.30 -6.75
C VAL A 203 -3.96 -8.27 -7.24
N THR A 204 -3.19 -7.83 -8.23
CA THR A 204 -1.87 -8.42 -8.49
C THR A 204 -0.89 -7.66 -7.62
N TRP A 205 -0.33 -8.34 -6.63
CA TRP A 205 0.63 -7.71 -5.73
C TRP A 205 2.02 -7.75 -6.35
N ILE A 206 2.70 -6.61 -6.34
CA ILE A 206 4.09 -6.53 -6.77
C ILE A 206 4.84 -5.91 -5.60
N VAL A 207 5.59 -6.71 -4.85
CA VAL A 207 6.23 -6.24 -3.62
C VAL A 207 7.73 -6.13 -3.88
N LEU A 208 8.27 -4.91 -3.72
CA LEU A 208 9.68 -4.69 -4.03
C LEU A 208 10.58 -5.30 -2.98
N LYS A 209 11.68 -5.90 -3.44
CA LYS A 209 12.64 -6.55 -2.56
C LYS A 209 13.39 -5.53 -1.71
N GLU A 210 13.70 -4.37 -2.28
CA GLU A 210 14.54 -3.38 -1.60
C GLU A 210 13.67 -2.40 -0.82
N PRO A 211 13.83 -2.30 0.50
CA PRO A 211 13.12 -1.27 1.26
C PRO A 211 13.68 0.12 0.99
N ILE A 212 12.88 1.13 1.29
CA ILE A 212 13.40 2.50 1.41
C ILE A 212 13.61 2.77 2.88
N SER A 213 14.50 3.70 3.20
CA SER A 213 14.72 4.08 4.60
C SER A 213 14.13 5.47 4.85
N VAL A 214 13.44 5.61 5.99
CA VAL A 214 12.90 6.89 6.43
C VAL A 214 13.50 7.18 7.79
N SER A 215 13.48 8.45 8.19
CA SER A 215 14.10 8.76 9.46
C SER A 215 13.12 8.52 10.61
N SER A 216 13.68 8.38 11.82
CA SER A 216 12.83 8.28 12.99
C SER A 216 11.89 9.47 13.09
N GLU A 217 12.37 10.67 12.74
CA GLU A 217 11.51 11.86 12.79
C GLU A 217 10.35 11.75 11.81
N GLN A 218 10.61 11.21 10.61
CA GLN A 218 9.55 11.07 9.62
C GLN A 218 8.47 10.11 10.09
N VAL A 219 8.86 8.93 10.60
CA VAL A 219 7.83 7.99 11.02
C VAL A 219 7.13 8.49 12.30
N LEU A 220 7.86 9.21 13.17
CA LEU A 220 7.20 9.79 14.34
C LEU A 220 6.06 10.70 13.94
N LYS A 221 6.21 11.44 12.84
CA LYS A 221 5.16 12.34 12.40
C LYS A 221 3.96 11.57 11.83
N PHE A 222 4.18 10.39 11.23
CA PHE A 222 3.03 9.54 10.89
C PHE A 222 2.22 9.23 12.14
N ARG A 223 2.92 8.90 13.24
CA ARG A 223 2.27 8.42 14.46
C ARG A 223 1.55 9.52 15.22
N LYS A 224 1.65 10.77 14.77
CA LYS A 224 0.90 11.86 15.38
C LYS A 224 -0.45 12.07 14.73
N LEU A 225 -0.73 11.37 13.64
CA LEU A 225 -2.06 11.46 13.04
C LEU A 225 -3.09 10.83 13.96
N ASN A 226 -4.36 11.10 13.66
CA ASN A 226 -5.48 10.63 14.46
C ASN A 226 -6.40 9.75 13.62
N PHE A 227 -6.89 8.66 14.24
CA PHE A 227 -7.97 7.89 13.62
C PHE A 227 -9.29 8.65 13.70
N ASN A 228 -9.47 9.39 14.77
CA ASN A 228 -10.73 10.05 15.07
C ASN A 228 -10.91 11.33 14.25
N GLY A 229 -12.15 11.80 14.23
CA GLY A 229 -12.43 13.12 13.72
C GLY A 229 -12.19 14.21 14.75
N GLU A 230 -12.12 15.44 14.26
CA GLU A 230 -11.92 16.60 15.11
C GLU A 230 -13.02 16.71 16.16
N GLY A 231 -12.63 16.96 17.41
CA GLY A 231 -13.63 17.06 18.46
C GLY A 231 -14.12 15.74 19.00
N GLU A 232 -13.53 14.63 18.59
CA GLU A 232 -13.74 13.32 19.15
C GLU A 232 -12.52 12.94 20.00
N PRO A 233 -12.65 11.94 20.87
CA PRO A 233 -11.50 11.57 21.71
C PRO A 233 -10.33 11.13 20.83
N GLU A 234 -9.14 11.60 21.19
CA GLU A 234 -7.95 11.38 20.36
C GLU A 234 -7.48 9.95 20.45
N GLU A 235 -7.37 9.31 19.29
CA GLU A 235 -6.77 7.99 19.20
C GLU A 235 -5.72 8.05 18.11
N LEU A 236 -4.47 7.85 18.50
CA LEU A 236 -3.38 7.99 17.53
C LEU A 236 -3.54 6.98 16.41
N MET A 237 -3.28 7.43 15.19
CA MET A 237 -3.30 6.55 14.02
C MET A 237 -1.97 5.82 14.00
N VAL A 238 -1.95 4.63 14.63
CA VAL A 238 -0.80 3.75 14.64
C VAL A 238 -1.31 2.31 14.51
N ASP A 239 -0.42 1.43 14.04
CA ASP A 239 -0.74 0.00 13.89
C ASP A 239 -1.97 -0.21 13.02
N ASN A 240 -2.03 0.52 11.91
CA ASN A 240 -3.12 0.39 10.94
C ASN A 240 -2.75 -0.64 9.86
N TRP A 241 -2.30 -1.81 10.30
CA TRP A 241 -1.87 -2.87 9.41
C TRP A 241 -2.64 -4.15 9.70
N ARG A 242 -2.98 -4.87 8.63
CA ARG A 242 -3.52 -6.22 8.71
C ARG A 242 -2.37 -7.22 8.74
N PRO A 243 -2.42 -8.22 9.61
CA PRO A 243 -1.34 -9.21 9.66
C PRO A 243 -1.42 -10.19 8.49
N ALA A 244 -0.33 -10.93 8.34
CA ALA A 244 -0.23 -11.92 7.26
C ALA A 244 -1.35 -12.96 7.34
N GLN A 245 -1.90 -13.29 6.17
CA GLN A 245 -2.99 -14.22 5.95
C GLN A 245 -2.47 -15.50 5.31
N PRO A 246 -3.21 -16.60 5.41
CA PRO A 246 -2.69 -17.88 4.88
C PRO A 246 -2.49 -17.81 3.38
N LEU A 247 -1.38 -18.39 2.91
CA LEU A 247 -1.07 -18.36 1.49
C LEU A 247 -2.03 -19.26 0.70
N LYS A 248 -2.47 -20.36 1.30
CA LYS A 248 -3.40 -21.29 0.65
C LYS A 248 -2.81 -21.71 -0.69
N ASN A 249 -3.59 -21.77 -1.75
CA ASN A 249 -3.15 -22.36 -3.01
C ASN A 249 -2.53 -21.31 -3.92
N ARG A 250 -1.47 -20.67 -3.44
CA ARG A 250 -0.77 -19.66 -4.20
C ARG A 250 0.74 -19.86 -4.14
N GLN A 251 1.40 -19.51 -5.25
CA GLN A 251 2.85 -19.49 -5.33
C GLN A 251 3.32 -18.06 -5.50
N ILE A 252 4.25 -17.64 -4.68
CA ILE A 252 4.89 -16.34 -4.85
C ILE A 252 6.03 -16.50 -5.84
N LYS A 253 6.06 -15.66 -6.86
CA LYS A 253 7.10 -15.68 -7.87
C LYS A 253 8.06 -14.52 -7.63
N ALA A 254 9.34 -14.75 -7.94
CA ALA A 254 10.36 -13.72 -7.80
C ALA A 254 10.90 -13.33 -9.17
N SER A 255 11.15 -12.04 -9.35
CA SER A 255 11.71 -11.53 -10.60
C SER A 255 13.21 -11.66 -10.67
N PHE A 256 13.82 -12.16 -9.60
CA PHE A 256 15.26 -12.13 -9.42
C PHE A 256 15.71 -13.43 -8.77
N LYS A 257 17.00 -13.72 -8.93
CA LYS A 257 17.63 -14.84 -8.26
C LYS A 257 17.96 -14.46 -6.83
ZN ZN B . -2.67 -0.42 1.92
P1 A9J C . -4.56 -2.10 -1.23
F1 A9J C . -3.09 -1.85 -1.82
F2 A9J C . -5.97 -2.37 -0.50
F3 A9J C . -4.41 -0.75 -0.34
F4 A9J C . -4.68 -3.46 -2.09
F5 A9J C . -5.19 -1.29 -2.46
F6 A9J C . -3.93 -2.99 -0.07
C1 GOL D . -2.56 -4.39 13.66
O1 GOL D . -2.97 -5.72 13.38
C2 GOL D . -2.88 -3.98 15.08
O2 GOL D . -3.62 -2.77 15.06
C3 GOL D . -1.57 -3.74 15.84
O3 GOL D . -1.29 -4.84 16.68
CAP A57 E . -10.80 -0.12 1.25
CAP A57 E . -7.17 0.50 -2.70
CAO A57 E . -10.75 -0.67 -0.18
CAO A57 E . -7.61 1.63 -1.81
CAQ A57 E . -12.10 -1.29 -0.30
CAQ A57 E . -6.75 1.68 -0.54
CAE A57 E . -10.26 0.55 -0.91
CAE A57 E . -9.07 1.49 -1.43
CAD A57 E . -8.91 0.50 -0.76
CAD A57 E . -9.37 0.27 -0.84
CAC A57 E . -8.14 1.45 -1.23
CAC A57 E . -10.61 -0.02 -0.44
CAN A57 E . -6.64 1.26 -1.03
CAN A57 E . -10.89 -1.38 0.21
CAB A57 E . -8.72 2.49 -1.85
CAB A57 E . -11.57 0.88 -0.61
CAA A57 E . -10.11 2.60 -2.04
CAA A57 E . -11.31 2.11 -1.20
CAR A57 E . -10.49 3.93 -2.75
CAR A57 E . -12.56 3.01 -1.31
CAT A57 E . -11.86 4.15 -3.41
CAT A57 E . -12.89 3.51 0.09
CAS A57 E . -9.45 4.45 -3.75
CAS A57 E . -13.71 2.19 -1.91
NAF A57 E . -10.93 1.61 -1.50
NAF A57 E . -10.04 2.44 -1.64
CAG A57 E . -12.40 1.51 -1.60
CAG A57 E . -9.83 3.80 -2.22
CAH A57 E . -12.62 0.53 -2.79
CAH A57 E . -8.92 4.12 -3.40
CAI A57 E . -14.00 0.29 -3.40
CAI A57 E . -9.18 5.59 -3.70
CAM A57 E . -14.93 -0.64 -3.04
CAM A57 E . -10.35 6.11 -4.20
NAL A57 E . -15.96 -0.53 -3.85
NAL A57 E . -10.20 7.41 -4.31
CAK A57 E . -15.69 0.44 -4.75
CAK A57 E . -8.97 7.73 -3.90
NAJ A57 E . -14.47 0.92 -4.46
NAJ A57 E . -8.36 6.60 -3.52
HAT A57 E . -9.99 0.39 1.43
HAT A57 E . -7.50 0.64 -3.59
HAS A57 E . -10.86 -0.86 1.88
HAS A57 E . -6.19 0.46 -2.72
HAR A57 E . -11.58 0.45 1.35
HAR A57 E . -7.51 -0.34 -2.35
HAQ A57 E . -10.08 -1.36 -0.24
HAQ A57 E . -7.50 2.47 -2.29
HAU A57 E . -12.77 -0.65 0.00
HAU A57 E . -6.65 2.59 -0.25
HAW A57 E . -12.14 -2.08 0.26
HAW A57 E . -7.18 1.15 0.16
HAV A57 E . -12.26 -1.53 -1.22
HAV A57 E . -5.88 1.30 -0.73
HAD A57 E . -8.52 -0.23 -0.32
HAD A57 E . -8.68 -0.35 -0.73
HAO A57 E . -6.20 2.12 -1.06
HAO A57 E . -11.83 -1.59 0.13
HAP A57 E . -6.29 0.67 -1.71
HAP A57 E . -10.64 -1.33 1.15
HAN A57 E . -6.49 0.86 -0.15
HAN A57 E . -10.35 -2.06 -0.23
HAB A57 E . -8.18 3.16 -2.19
HAB A57 E . -12.44 0.69 -0.34
HAX A57 E . -10.49 4.59 -2.03
HAX A57 E . -12.35 3.77 -1.89
HA1 A57 E . -11.88 3.67 -4.26
HA1 A57 E . -13.51 4.26 0.02
HA2 A57 E . -11.99 5.09 -3.57
HA2 A57 E . -12.09 3.78 0.54
HA3 A57 E . -12.56 3.81 -2.83
HA3 A57 E . -13.32 2.80 0.59
HAZ A57 E . -9.44 3.87 -4.53
HAZ A57 E . -14.42 2.79 -2.15
HAY A57 E . -8.56 4.43 -3.33
HAY A57 E . -14.02 1.55 -1.26
HA0 A57 E . -9.66 5.36 -4.01
HA0 A57 E . -13.38 1.73 -2.70
HAG A57 E . -12.78 2.37 -1.80
HAG A57 E . -9.53 4.35 -1.48
HAH A57 E . -12.78 1.14 -0.78
HAH A57 E . -10.72 4.12 -2.46
HAJ A57 E . -12.29 -0.33 -2.50
HAJ A57 E . -9.14 3.57 -4.17
HAI A57 E . -12.04 0.83 -3.51
HAI A57 E . -7.99 3.99 -3.16
HAM A57 E . -14.86 -1.22 -2.32
HAM A57 E . -11.11 5.63 -4.42
HAK A57 E . -16.24 0.72 -5.44
HAK A57 E . -8.60 8.58 -3.86
HA4 A57 E . -14.07 1.55 -4.89
HA4 A57 E . -7.56 6.53 -3.21
#